data_4DPE
#
_entry.id   4DPE
#
_cell.length_a   38.206
_cell.length_b   77.714
_cell.length_c   105.615
_cell.angle_alpha   90.00
_cell.angle_beta   90.00
_cell.angle_gamma   90.00
#
_symmetry.space_group_name_H-M   'P 21 21 21'
#
loop_
_entity.id
_entity.type
_entity.pdbx_description
1 polymer Stromelysin-1
2 non-polymer 'ZINC ION'
3 non-polymer 'CALCIUM ION'
4 non-polymer 'PLATINUM (II) ION'
5 non-polymer 'CHLORIDE ION'
6 non-polymer 'N-ISOBUTYL-N-[4-METHOXYPHENYLSULFONYL]GLYCYL HYDROXAMIC ACID'
7 water water
#
_entity_poly.entity_id   1
_entity_poly.type   'polypeptide(L)'
_entity_poly.pdbx_seq_one_letter_code
;FRTFPGIPKWRKTHLTYRIVNYTPDLPKDAVDSAVEKALKVWEEVTPLTFSRLYEGEADIMISFAVREHGDFYPFDGPGN
VLAHAYAPGPGINGDAHFDDDEQWTKDTTGTNLFLVAAHEIGHSLGLFHSANTEALMYPLYHSLTDLTRFRLSQDDINGI
QSLYGPPPDSPET
;
_entity_poly.pdbx_strand_id   A,B
#
loop_
_chem_comp.id
_chem_comp.type
_chem_comp.name
_chem_comp.formula
CA non-polymer 'CALCIUM ION' 'Ca 2'
CL non-polymer 'CHLORIDE ION' 'Cl -1'
NGH non-polymer 'N-ISOBUTYL-N-[4-METHOXYPHENYLSULFONYL]GLYCYL HYDROXAMIC ACID' 'C13 H20 N2 O5 S'
PT non-polymer 'PLATINUM (II) ION' 'Pt 2'
ZN non-polymer 'ZINC ION' 'Zn 2'
#
# COMPACT_ATOMS: atom_id res chain seq x y z
N PHE A 1 10.78 -12.08 0.93
CA PHE A 1 10.50 -10.96 1.87
C PHE A 1 10.52 -9.70 1.05
N ARG A 2 10.05 -8.63 1.66
CA ARG A 2 10.10 -7.30 1.01
C ARG A 2 10.54 -6.26 2.02
N THR A 3 11.28 -5.26 1.55
CA THR A 3 11.47 -4.07 2.40
C THR A 3 10.57 -2.92 1.89
N PHE A 4 10.59 -1.78 2.60
CA PHE A 4 9.80 -0.58 2.20
C PHE A 4 10.53 0.15 1.04
N PRO A 5 9.82 1.06 0.31
CA PRO A 5 10.61 1.67 -0.82
C PRO A 5 11.72 2.64 -0.31
N GLY A 6 12.90 2.46 -0.90
CA GLY A 6 14.05 3.29 -0.55
C GLY A 6 14.79 2.61 0.56
N ILE A 7 14.28 1.44 0.99
CA ILE A 7 14.86 0.69 2.11
C ILE A 7 15.14 1.63 3.35
N PRO A 8 14.05 2.29 3.87
CA PRO A 8 14.19 3.02 5.14
C PRO A 8 14.70 2.00 6.18
N LYS A 9 15.79 2.32 6.88
CA LYS A 9 16.25 1.46 7.93
C LYS A 9 16.79 2.30 9.06
N TRP A 10 16.80 1.75 10.27
CA TRP A 10 17.35 2.47 11.42
C TRP A 10 18.87 2.63 11.13
N ARG A 11 19.47 3.73 11.57
CA ARG A 11 20.89 3.92 11.26
C ARG A 11 21.73 3.92 12.50
N LYS A 12 21.29 3.18 13.50
CA LYS A 12 21.98 2.88 14.73
C LYS A 12 21.53 1.49 15.14
N THR A 13 22.27 0.80 15.97
CA THR A 13 21.90 -0.57 16.30
C THR A 13 21.18 -0.62 17.64
N HIS A 14 21.36 0.40 18.47
CA HIS A 14 20.65 0.36 19.73
C HIS A 14 19.34 1.18 19.70
N LEU A 15 18.20 0.49 19.86
CA LEU A 15 16.91 1.20 19.71
C LEU A 15 16.13 1.29 21.03
N THR A 16 15.35 2.36 21.23
CA THR A 16 14.59 2.42 22.50
C THR A 16 13.10 2.16 22.19
N TYR A 17 12.38 1.61 23.15
CA TYR A 17 10.91 1.53 22.96
C TYR A 17 10.19 2.01 24.23
N ARG A 18 8.93 2.43 24.11
CA ARG A 18 8.17 2.73 25.26
C ARG A 18 6.75 2.25 25.09
N ILE A 19 6.22 1.63 26.15
CA ILE A 19 4.82 1.19 26.14
C ILE A 19 4.05 2.33 26.80
N VAL A 20 3.37 3.07 25.96
CA VAL A 20 2.70 4.32 26.33
C VAL A 20 1.47 4.11 27.19
N ASN A 21 0.76 3.01 26.94
CA ASN A 21 -0.49 2.73 27.66
C ASN A 21 -0.76 1.25 27.57
N TYR A 22 -1.78 0.78 28.29
CA TYR A 22 -2.05 -0.65 28.50
C TYR A 22 -3.53 -1.00 28.24
N THR A 23 -3.75 -2.08 27.49
CA THR A 23 -5.11 -2.59 27.21
C THR A 23 -5.73 -3.10 28.50
N PRO A 24 -7.05 -2.93 28.69
CA PRO A 24 -7.79 -3.57 29.78
C PRO A 24 -7.85 -5.09 29.62
N ASP A 25 -7.54 -5.60 28.42
CA ASP A 25 -7.72 -7.06 28.14
C ASP A 25 -6.83 -8.03 28.93
N LEU A 26 -5.67 -7.57 29.36
CA LEU A 26 -4.61 -8.42 29.86
C LEU A 26 -3.95 -7.79 31.03
N PRO A 27 -3.36 -8.62 31.89
CA PRO A 27 -2.52 -8.08 32.94
C PRO A 27 -1.41 -7.24 32.33
N LYS A 28 -0.92 -6.20 33.02
CA LYS A 28 0.27 -5.49 32.48
C LYS A 28 1.49 -6.36 32.19
N ASP A 29 1.78 -7.34 33.08
CA ASP A 29 2.82 -8.35 32.87
C ASP A 29 2.83 -9.07 31.54
N ALA A 30 1.65 -9.51 31.11
CA ALA A 30 1.50 -10.22 29.88
C ALA A 30 1.69 -9.26 28.67
N VAL A 31 1.30 -8.00 28.79
CA VAL A 31 1.62 -7.02 27.74
C VAL A 31 3.15 -6.82 27.66
N ASP A 32 3.82 -6.58 28.78
CA ASP A 32 5.29 -6.40 28.76
C ASP A 32 6.00 -7.64 28.22
N SER A 33 5.52 -8.82 28.57
CA SER A 33 6.14 -10.05 28.10
C SER A 33 6.00 -10.25 26.62
N ALA A 34 4.79 -10.07 26.11
CA ALA A 34 4.55 -10.20 24.71
C ALA A 34 5.45 -9.21 23.92
N VAL A 35 5.51 -7.96 24.35
CA VAL A 35 6.36 -6.98 23.65
C VAL A 35 7.85 -7.39 23.72
N GLU A 36 8.29 -7.77 24.93
CA GLU A 36 9.73 -8.16 25.10
C GLU A 36 10.02 -9.33 24.19
N LYS A 37 9.13 -10.29 24.07
CA LYS A 37 9.40 -11.49 23.27
C LYS A 37 9.40 -11.13 21.82
N ALA A 38 8.51 -10.22 21.43
CA ALA A 38 8.49 -9.81 20.06
C ALA A 38 9.74 -9.06 19.64
N LEU A 39 10.27 -8.22 20.52
CA LEU A 39 11.55 -7.58 20.22
C LEU A 39 12.71 -8.63 20.15
N LYS A 40 12.70 -9.58 21.07
CA LYS A 40 13.73 -10.63 21.14
C LYS A 40 13.85 -11.48 19.89
N VAL A 41 12.72 -11.83 19.30
CA VAL A 41 12.68 -12.55 18.07
C VAL A 41 13.58 -11.94 16.99
N TRP A 42 13.53 -10.61 16.87
CA TRP A 42 14.38 -9.84 15.89
C TRP A 42 15.84 -9.61 16.36
N GLU A 43 15.98 -9.31 17.64
CA GLU A 43 17.29 -9.14 18.27
C GLU A 43 18.16 -10.35 18.04
N GLU A 44 17.57 -11.54 18.17
CA GLU A 44 18.29 -12.80 18.04
C GLU A 44 18.99 -13.01 16.75
N VAL A 45 18.51 -12.37 15.69
CA VAL A 45 19.05 -12.68 14.36
C VAL A 45 19.68 -11.48 13.69
N THR A 46 19.98 -10.45 14.48
CA THR A 46 20.59 -9.26 13.93
C THR A 46 21.55 -8.68 14.96
N PRO A 47 22.17 -7.54 14.66
CA PRO A 47 22.91 -6.88 15.73
C PRO A 47 22.10 -5.84 16.50
N LEU A 48 20.79 -5.77 16.30
CA LEU A 48 19.98 -4.78 17.03
C LEU A 48 19.76 -5.16 18.48
N THR A 49 19.68 -4.13 19.34
CA THR A 49 19.46 -4.33 20.75
C THR A 49 18.43 -3.31 21.17
N PHE A 50 17.64 -3.59 22.22
CA PHE A 50 16.53 -2.70 22.62
C PHE A 50 16.55 -2.38 24.09
N SER A 51 16.16 -1.19 24.47
CA SER A 51 15.95 -0.95 25.88
C SER A 51 14.71 -0.16 26.04
N ARG A 52 14.04 -0.39 27.17
CA ARG A 52 12.79 0.26 27.50
C ARG A 52 13.02 1.62 28.11
N LEU A 53 12.18 2.57 27.72
CA LEU A 53 12.17 3.83 28.41
C LEU A 53 10.78 3.99 29.01
N TYR A 54 10.72 4.61 30.19
CA TYR A 54 9.48 4.84 30.92
C TYR A 54 9.03 6.31 30.84
N GLU A 55 9.85 7.13 30.21
CA GLU A 55 9.48 8.53 29.99
C GLU A 55 10.26 9.00 28.80
N GLY A 56 9.88 10.16 28.27
CA GLY A 56 10.56 10.79 27.14
C GLY A 56 10.19 10.10 25.84
N GLU A 57 10.97 10.37 24.80
CA GLU A 57 10.59 9.86 23.46
C GLU A 57 11.49 8.71 23.12
N ALA A 58 10.91 7.56 22.82
CA ALA A 58 11.68 6.39 22.44
C ALA A 58 11.53 6.31 20.96
N ASP A 59 12.35 5.50 20.34
CA ASP A 59 12.27 5.28 18.87
C ASP A 59 10.94 4.61 18.49
N ILE A 60 10.57 3.53 19.21
CA ILE A 60 9.35 2.77 18.92
C ILE A 60 8.33 3.04 20.03
N MET A 61 7.37 3.94 19.78
CA MET A 61 6.34 4.22 20.76
C MET A 61 5.20 3.19 20.50
N ILE A 62 4.79 2.44 21.54
CA ILE A 62 3.80 1.31 21.40
C ILE A 62 2.53 1.72 22.16
N SER A 63 1.37 1.64 21.54
CA SER A 63 0.16 2.05 22.28
C SER A 63 -1.06 1.28 21.80
N PHE A 64 -2.11 1.31 22.61
CA PHE A 64 -3.39 0.68 22.21
C PHE A 64 -4.34 1.83 21.97
N ALA A 65 -5.14 1.75 20.92
CA ALA A 65 -6.05 2.84 20.52
C ALA A 65 -7.26 2.25 19.90
N VAL A 66 -8.35 3.04 19.86
CA VAL A 66 -9.50 2.64 19.02
C VAL A 66 -9.90 3.75 18.02
N ARG A 67 -10.46 3.37 16.86
CA ARG A 67 -11.02 4.34 15.90
C ARG A 67 -10.03 5.52 15.68
N GLU A 68 -10.45 6.80 15.80
CA GLU A 68 -9.51 7.90 15.56
C GLU A 68 -8.55 7.98 16.71
N HIS A 69 -7.24 7.91 16.47
CA HIS A 69 -6.37 7.91 17.61
C HIS A 69 -5.14 8.74 17.37
N GLY A 70 -5.22 9.69 16.49
CA GLY A 70 -4.08 10.59 16.44
C GLY A 70 -3.25 10.55 15.18
N ASP A 71 -3.68 9.81 14.19
CA ASP A 71 -2.97 9.84 12.95
C ASP A 71 -4.05 9.73 11.93
N PHE A 72 -3.65 9.58 10.68
CA PHE A 72 -4.59 9.64 9.60
C PHE A 72 -5.23 8.31 9.27
N TYR A 73 -4.99 7.28 10.12
CA TYR A 73 -5.45 5.92 9.77
C TYR A 73 -6.22 5.31 10.92
N PRO A 74 -7.48 5.71 11.09
CA PRO A 74 -8.31 5.21 12.19
C PRO A 74 -8.47 3.74 12.10
N PHE A 75 -8.57 3.12 13.27
CA PHE A 75 -8.88 1.76 13.38
C PHE A 75 -10.37 1.55 13.06
N ASP A 76 -10.78 0.31 12.90
CA ASP A 76 -12.07 -0.05 12.28
C ASP A 76 -12.98 -0.94 13.16
N GLY A 77 -12.90 -0.83 14.48
CA GLY A 77 -13.68 -1.74 15.31
C GLY A 77 -13.23 -3.19 15.24
N PRO A 78 -14.08 -4.11 15.73
CA PRO A 78 -13.65 -5.49 15.95
C PRO A 78 -13.24 -6.19 14.66
N GLY A 79 -12.12 -6.95 14.72
CA GLY A 79 -11.60 -7.71 13.58
C GLY A 79 -10.94 -6.91 12.49
N ASN A 80 -10.68 -7.56 11.35
CA ASN A 80 -10.10 -6.88 10.17
C ASN A 80 -8.70 -6.32 10.57
N VAL A 81 -8.51 -5.02 10.52
CA VAL A 81 -7.19 -4.43 10.85
C VAL A 81 -6.98 -4.65 12.33
N LEU A 82 -5.94 -5.37 12.70
CA LEU A 82 -5.67 -5.60 14.13
C LEU A 82 -4.70 -4.59 14.79
N ALA A 83 -3.79 -4.05 13.98
CA ALA A 83 -2.71 -3.17 14.39
C ALA A 83 -2.06 -2.60 13.16
N HIS A 84 -1.26 -1.55 13.35
CA HIS A 84 -0.49 -1.03 12.21
C HIS A 84 0.79 -0.39 12.75
N ALA A 85 1.80 -0.27 11.92
CA ALA A 85 3.06 0.24 12.43
C ALA A 85 3.78 0.93 11.28
N TYR A 86 4.63 1.90 11.63
CA TYR A 86 5.24 2.78 10.59
C TYR A 86 6.71 2.28 10.43
N ALA A 87 7.28 2.53 9.23
CA ALA A 87 8.65 2.13 8.96
C ALA A 87 9.64 3.07 9.69
N PRO A 88 10.93 2.70 9.75
CA PRO A 88 11.94 3.36 10.54
C PRO A 88 12.03 4.84 10.19
N GLY A 89 12.33 5.65 11.19
CA GLY A 89 12.39 7.11 10.99
C GLY A 89 12.10 7.80 12.31
N PRO A 90 12.13 9.16 12.32
CA PRO A 90 11.86 10.02 13.47
C PRO A 90 10.34 10.18 13.64
N GLY A 91 9.98 10.56 14.87
CA GLY A 91 8.64 10.92 15.28
C GLY A 91 7.72 9.69 15.27
N ILE A 92 6.65 9.76 14.49
CA ILE A 92 5.66 8.69 14.47
C ILE A 92 6.23 7.47 13.76
N ASN A 93 7.25 7.64 12.93
CA ASN A 93 7.87 6.54 12.23
C ASN A 93 8.49 5.59 13.25
N GLY A 94 8.49 4.29 12.95
CA GLY A 94 8.86 3.28 13.97
C GLY A 94 7.72 2.85 14.92
N ASP A 95 6.70 3.68 15.10
CA ASP A 95 5.71 3.45 16.18
C ASP A 95 4.73 2.33 15.73
N ALA A 96 4.10 1.68 16.71
CA ALA A 96 3.20 0.57 16.50
C ALA A 96 1.95 0.82 17.32
N HIS A 97 0.78 0.75 16.69
CA HIS A 97 -0.49 1.05 17.32
C HIS A 97 -1.34 -0.26 17.24
N PHE A 98 -2.06 -0.59 18.30
CA PHE A 98 -2.75 -1.90 18.37
C PHE A 98 -4.23 -1.57 18.56
N ASP A 99 -5.11 -2.15 17.75
CA ASP A 99 -6.55 -1.84 17.86
C ASP A 99 -7.16 -2.48 19.13
N ASP A 100 -7.55 -1.68 20.11
CA ASP A 100 -8.17 -2.26 21.31
C ASP A 100 -9.66 -2.72 21.13
N ASP A 101 -10.23 -2.53 19.96
CA ASP A 101 -11.46 -3.24 19.67
C ASP A 101 -11.18 -4.70 19.36
N GLU A 102 -9.89 -5.11 19.28
CA GLU A 102 -9.62 -6.55 19.38
C GLU A 102 -9.57 -6.98 20.85
N GLN A 103 -9.83 -8.28 21.10
CA GLN A 103 -9.62 -8.86 22.44
C GLN A 103 -8.21 -9.48 22.45
N TRP A 104 -7.25 -8.79 23.07
CA TRP A 104 -5.82 -9.27 23.08
C TRP A 104 -5.62 -10.39 24.09
N THR A 105 -4.97 -11.49 23.68
CA THR A 105 -4.78 -12.67 24.54
C THR A 105 -3.35 -13.11 24.64
N LYS A 106 -3.06 -13.84 25.70
CA LYS A 106 -1.77 -14.48 25.94
C LYS A 106 -1.72 -15.74 25.11
N ASP A 107 -2.86 -16.30 24.77
CA ASP A 107 -2.90 -17.58 24.11
C ASP A 107 -3.59 -17.31 22.79
N THR A 108 -4.26 -18.31 22.22
CA THR A 108 -4.88 -18.09 20.93
C THR A 108 -6.39 -18.02 21.00
N THR A 109 -6.94 -17.73 22.18
CA THR A 109 -8.41 -17.58 22.30
C THR A 109 -8.95 -16.27 21.71
N GLY A 110 -8.15 -15.22 21.64
CA GLY A 110 -8.66 -13.99 20.98
C GLY A 110 -7.59 -13.70 19.95
N THR A 111 -7.07 -12.49 19.93
CA THR A 111 -6.02 -12.18 19.01
C THR A 111 -4.73 -12.19 19.83
N ASN A 112 -3.76 -12.98 19.41
CA ASN A 112 -2.56 -13.15 20.20
C ASN A 112 -1.61 -11.93 20.16
N LEU A 113 -1.35 -11.33 21.32
CA LEU A 113 -0.61 -10.06 21.36
C LEU A 113 0.85 -10.26 20.91
N PHE A 114 1.48 -11.36 21.35
CA PHE A 114 2.89 -11.61 20.94
C PHE A 114 3.01 -11.72 19.40
N LEU A 115 2.11 -12.45 18.77
CA LEU A 115 2.26 -12.70 17.35
C LEU A 115 2.03 -11.46 16.54
N VAL A 116 0.99 -10.65 16.93
CA VAL A 116 0.72 -9.47 16.17
C VAL A 116 1.86 -8.47 16.43
N ALA A 117 2.35 -8.40 17.66
CA ALA A 117 3.47 -7.44 17.93
C ALA A 117 4.75 -7.80 17.16
N ALA A 118 5.12 -9.08 17.19
CA ALA A 118 6.30 -9.54 16.42
C ALA A 118 6.19 -9.08 14.95
N HIS A 119 5.04 -9.36 14.32
CA HIS A 119 4.74 -8.86 12.95
C HIS A 119 4.88 -7.32 12.82
N GLU A 120 4.23 -6.56 13.70
CA GLU A 120 4.26 -5.09 13.57
C GLU A 120 5.67 -4.56 13.80
N ILE A 121 6.41 -5.20 14.70
CA ILE A 121 7.81 -4.75 14.94
C ILE A 121 8.65 -4.98 13.70
N GLY A 122 8.35 -6.03 12.98
CA GLY A 122 8.98 -6.31 11.69
C GLY A 122 8.80 -5.06 10.83
N HIS A 123 7.57 -4.51 10.77
CA HIS A 123 7.40 -3.23 10.03
C HIS A 123 8.19 -2.06 10.62
N SER A 124 8.11 -1.88 11.93
CA SER A 124 8.91 -0.83 12.62
C SER A 124 10.41 -0.90 12.33
N LEU A 125 10.90 -2.06 11.94
CA LEU A 125 12.32 -2.31 11.65
C LEU A 125 12.62 -2.19 10.17
N GLY A 126 11.58 -2.06 9.36
CA GLY A 126 11.83 -1.90 7.91
C GLY A 126 11.38 -3.00 6.95
N LEU A 127 10.67 -4.02 7.43
CA LEU A 127 10.28 -5.11 6.58
C LEU A 127 8.85 -4.82 6.12
N PHE A 128 8.58 -4.95 4.85
CA PHE A 128 7.18 -4.85 4.36
C PHE A 128 6.62 -6.27 4.26
N HIS A 129 5.54 -6.52 3.55
CA HIS A 129 4.99 -7.88 3.61
C HIS A 129 5.68 -8.86 2.72
N SER A 130 5.81 -10.08 3.23
CA SER A 130 6.35 -11.24 2.45
C SER A 130 5.27 -11.96 1.62
N ALA A 131 5.73 -12.58 0.52
CA ALA A 131 4.88 -13.44 -0.30
C ALA A 131 4.82 -14.88 0.30
N ASN A 132 5.77 -15.17 1.18
CA ASN A 132 5.90 -16.47 1.79
C ASN A 132 4.85 -16.72 2.88
N THR A 133 4.00 -17.75 2.70
CA THR A 133 2.91 -18.04 3.69
C THR A 133 3.38 -18.52 5.09
N GLU A 134 4.60 -19.10 5.15
CA GLU A 134 5.18 -19.56 6.44
C GLU A 134 5.80 -18.36 7.22
N ALA A 135 5.96 -17.24 6.51
CA ALA A 135 6.69 -16.07 7.08
C ALA A 135 5.87 -15.31 8.14
N LEU A 136 6.50 -14.90 9.24
CA LEU A 136 5.87 -13.97 10.19
C LEU A 136 5.34 -12.69 9.45
N MET A 137 6.09 -12.29 8.41
CA MET A 137 5.70 -11.05 7.66
C MET A 137 4.63 -11.19 6.59
N TYR A 138 4.06 -12.39 6.48
CA TYR A 138 2.93 -12.59 5.57
C TYR A 138 1.77 -11.79 6.15
N PRO A 139 0.95 -11.14 5.30
CA PRO A 139 -0.07 -10.23 5.84
C PRO A 139 -1.02 -10.92 6.83
N LEU A 140 -1.43 -12.14 6.51
CA LEU A 140 -2.62 -12.70 7.12
C LEU A 140 -2.34 -13.15 8.53
N TYR A 141 -3.09 -12.56 9.47
CA TYR A 141 -3.19 -13.14 10.81
C TYR A 141 -3.61 -14.60 10.70
N HIS A 142 -2.85 -15.44 11.41
CA HIS A 142 -2.90 -16.89 11.32
C HIS A 142 -2.98 -17.42 12.74
N SER A 143 -4.18 -17.73 13.22
CA SER A 143 -4.35 -18.31 14.58
C SER A 143 -3.30 -19.40 14.88
N LEU A 144 -3.39 -20.50 14.11
CA LEU A 144 -2.42 -21.63 14.05
C LEU A 144 -2.23 -22.52 15.31
N THR A 145 -2.38 -23.83 15.10
CA THR A 145 -2.11 -24.86 16.14
C THR A 145 -0.63 -24.81 16.57
N ASP A 146 -0.45 -24.11 17.70
CA ASP A 146 0.79 -24.02 18.49
C ASP A 146 1.73 -22.81 18.26
N LEU A 147 1.56 -21.83 19.13
CA LEU A 147 2.48 -20.70 19.24
C LEU A 147 3.75 -21.11 19.99
N THR A 148 3.75 -22.27 20.67
CA THR A 148 4.90 -22.60 21.52
C THR A 148 6.17 -22.89 20.73
N ARG A 149 6.03 -23.58 19.60
CA ARG A 149 7.16 -23.76 18.66
C ARG A 149 7.20 -22.65 17.58
N PHE A 150 6.97 -21.40 18.00
CA PHE A 150 6.96 -20.32 17.03
C PHE A 150 8.40 -20.22 16.63
N ARG A 151 8.68 -20.05 15.33
CA ARG A 151 10.04 -19.84 14.75
C ARG A 151 9.97 -18.76 13.70
N LEU A 152 10.82 -17.75 13.69
CA LEU A 152 10.78 -16.89 12.53
C LEU A 152 11.17 -17.76 11.34
N SER A 153 10.57 -17.53 10.21
CA SER A 153 10.96 -18.25 8.98
C SER A 153 12.29 -17.74 8.44
N GLN A 154 12.95 -18.58 7.64
CA GLN A 154 14.17 -18.15 6.96
C GLN A 154 13.91 -16.93 6.10
N ASP A 155 12.74 -16.86 5.51
CA ASP A 155 12.37 -15.65 4.78
C ASP A 155 12.43 -14.31 5.61
N ASP A 156 11.88 -14.36 6.81
CA ASP A 156 11.94 -13.23 7.73
C ASP A 156 13.42 -12.95 8.11
N ILE A 157 14.19 -14.01 8.35
CA ILE A 157 15.57 -13.81 8.82
C ILE A 157 16.39 -13.19 7.66
N ASN A 158 16.14 -13.69 6.45
CA ASN A 158 16.82 -13.22 5.20
C ASN A 158 16.52 -11.73 5.01
N GLY A 159 15.25 -11.36 5.10
CA GLY A 159 14.85 -9.95 4.97
C GLY A 159 15.49 -9.07 6.01
N ILE A 160 15.40 -9.47 7.29
CA ILE A 160 15.88 -8.52 8.30
C ILE A 160 17.44 -8.43 8.26
N GLN A 161 18.11 -9.54 7.98
CA GLN A 161 19.58 -9.55 7.83
C GLN A 161 19.98 -8.76 6.55
N SER A 162 19.11 -8.70 5.56
CA SER A 162 19.49 -7.93 4.36
C SER A 162 19.59 -6.46 4.74
N LEU A 163 18.93 -6.07 5.85
CA LEU A 163 18.99 -4.69 6.32
C LEU A 163 20.07 -4.37 7.34
N TYR A 164 20.26 -5.27 8.30
CA TYR A 164 21.05 -4.98 9.49
C TYR A 164 22.24 -5.96 9.65
N GLY A 165 22.26 -7.01 8.84
CA GLY A 165 23.21 -8.13 8.99
C GLY A 165 22.80 -9.14 10.03
N PRO A 166 23.63 -10.21 10.23
CA PRO A 166 23.47 -11.31 11.16
C PRO A 166 23.99 -10.86 12.54
N PRO A 167 23.74 -11.67 13.60
CA PRO A 167 24.43 -11.20 14.82
C PRO A 167 25.97 -11.12 14.62
N PRO A 168 26.64 -10.19 15.35
CA PRO A 168 28.12 -10.09 15.24
C PRO A 168 28.83 -11.32 15.81
N ILE B 7 8.62 -6.29 -16.41
CA ILE B 7 8.58 -5.30 -15.31
C ILE B 7 9.20 -3.92 -15.72
N PRO B 8 8.72 -3.35 -16.86
CA PRO B 8 8.93 -1.91 -17.06
C PRO B 8 8.29 -1.15 -15.90
N LYS B 9 8.97 -0.12 -15.43
CA LYS B 9 8.50 0.68 -14.32
C LYS B 9 9.17 2.01 -14.38
N TRP B 10 8.53 3.01 -13.80
CA TRP B 10 9.12 4.30 -13.81
C TRP B 10 10.27 4.20 -12.83
N ARG B 11 11.42 4.68 -13.30
CA ARG B 11 12.63 4.82 -12.48
C ARG B 11 12.55 5.99 -11.45
N LYS B 12 11.61 6.93 -11.63
CA LYS B 12 11.36 8.06 -10.70
C LYS B 12 10.03 7.90 -9.97
N THR B 13 9.82 8.64 -8.88
CA THR B 13 8.55 8.56 -8.11
C THR B 13 7.60 9.75 -8.32
N HIS B 14 8.12 10.87 -8.82
CA HIS B 14 7.30 11.99 -9.13
C HIS B 14 7.07 12.11 -10.62
N LEU B 15 5.80 11.93 -11.00
CA LEU B 15 5.48 11.86 -12.41
C LEU B 15 4.65 13.05 -12.85
N THR B 16 4.76 13.41 -14.13
CA THR B 16 4.00 14.56 -14.64
C THR B 16 2.92 14.01 -15.64
N TYR B 17 1.79 14.71 -15.74
CA TYR B 17 0.78 14.32 -16.78
C TYR B 17 0.29 15.52 -17.49
N ARG B 18 -0.24 15.36 -18.69
CA ARG B 18 -0.81 16.49 -19.38
C ARG B 18 -2.04 16.00 -20.12
N ILE B 19 -3.19 16.68 -19.94
CA ILE B 19 -4.38 16.42 -20.75
C ILE B 19 -4.22 17.28 -22.00
N VAL B 20 -4.03 16.62 -23.14
CA VAL B 20 -3.63 17.24 -24.38
C VAL B 20 -4.85 17.70 -25.20
N ASN B 21 -6.01 17.08 -24.97
CA ASN B 21 -7.28 17.48 -25.63
C ASN B 21 -8.48 16.94 -24.86
N TYR B 22 -9.70 17.33 -25.26
CA TYR B 22 -10.89 17.11 -24.42
C TYR B 22 -11.99 16.51 -25.32
N THR B 23 -12.78 15.58 -24.75
CA THR B 23 -13.88 14.95 -25.38
C THR B 23 -15.07 15.96 -25.45
N PRO B 24 -15.86 15.91 -26.52
CA PRO B 24 -17.12 16.68 -26.61
C PRO B 24 -18.11 16.20 -25.51
N ASP B 25 -17.92 15.00 -24.96
CA ASP B 25 -18.96 14.35 -24.13
C ASP B 25 -19.22 15.00 -22.75
N LEU B 26 -18.22 15.71 -22.22
CA LEU B 26 -18.26 16.19 -20.86
C LEU B 26 -17.67 17.56 -20.83
N PRO B 27 -18.02 18.34 -19.79
CA PRO B 27 -17.34 19.64 -19.66
C PRO B 27 -15.87 19.40 -19.30
N LYS B 28 -15.03 20.36 -19.63
CA LYS B 28 -13.62 20.21 -19.32
C LYS B 28 -13.31 19.93 -17.84
N ASP B 29 -14.02 20.61 -16.93
CA ASP B 29 -13.77 20.44 -15.50
C ASP B 29 -14.11 19.00 -15.06
N ALA B 30 -15.14 18.37 -15.67
CA ALA B 30 -15.46 16.97 -15.38
C ALA B 30 -14.37 16.00 -15.85
N VAL B 31 -13.75 16.28 -17.02
CA VAL B 31 -12.57 15.52 -17.43
C VAL B 31 -11.38 15.71 -16.49
N ASP B 32 -11.03 16.94 -16.09
CA ASP B 32 -9.95 17.14 -15.14
C ASP B 32 -10.20 16.43 -13.80
N SER B 33 -11.44 16.43 -13.30
CA SER B 33 -11.77 15.76 -12.04
C SER B 33 -11.61 14.24 -12.12
N ALA B 34 -12.11 13.66 -13.21
CA ALA B 34 -12.06 12.22 -13.35
C ALA B 34 -10.59 11.77 -13.45
N VAL B 35 -9.76 12.52 -14.17
CA VAL B 35 -8.34 12.21 -14.32
C VAL B 35 -7.62 12.41 -12.99
N GLU B 36 -7.82 13.52 -12.33
CA GLU B 36 -7.19 13.73 -10.99
C GLU B 36 -7.52 12.58 -10.02
N LYS B 37 -8.80 12.21 -9.96
CA LYS B 37 -9.26 11.07 -9.11
C LYS B 37 -8.64 9.76 -9.51
N ALA B 38 -8.55 9.50 -10.81
CA ALA B 38 -7.89 8.27 -11.31
C ALA B 38 -6.42 8.17 -10.83
N LEU B 39 -5.73 9.29 -10.86
CA LEU B 39 -4.33 9.40 -10.44
C LEU B 39 -4.25 9.17 -8.90
N LYS B 40 -5.15 9.84 -8.19
CA LYS B 40 -5.19 9.85 -6.71
C LYS B 40 -5.29 8.41 -6.18
N VAL B 41 -6.14 7.63 -6.82
CA VAL B 41 -6.33 6.24 -6.50
C VAL B 41 -4.97 5.51 -6.34
N TRP B 42 -4.04 5.72 -7.27
CA TRP B 42 -2.75 5.08 -7.16
C TRP B 42 -1.78 5.82 -6.24
N GLU B 43 -1.91 7.14 -6.09
CA GLU B 43 -1.04 7.94 -5.24
C GLU B 43 -1.24 7.47 -3.75
N GLU B 44 -2.47 7.10 -3.43
CA GLU B 44 -2.86 6.72 -2.10
C GLU B 44 -2.24 5.47 -1.56
N VAL B 45 -1.73 4.60 -2.44
CA VAL B 45 -1.25 3.31 -2.01
C VAL B 45 0.18 3.09 -2.47
N THR B 46 0.88 4.14 -2.89
CA THR B 46 2.30 4.01 -3.34
C THR B 46 3.03 5.27 -2.94
N PRO B 47 4.33 5.39 -3.22
CA PRO B 47 4.99 6.67 -3.07
C PRO B 47 4.87 7.54 -4.31
N LEU B 48 4.17 7.12 -5.35
CA LEU B 48 4.07 7.93 -6.58
C LEU B 48 3.33 9.23 -6.33
N THR B 49 3.75 10.31 -6.98
CA THR B 49 3.00 11.57 -6.93
C THR B 49 2.96 12.13 -8.35
N PHE B 50 1.98 12.97 -8.60
CA PHE B 50 1.66 13.45 -9.95
C PHE B 50 1.52 14.97 -9.90
N SER B 51 2.14 15.66 -10.87
CA SER B 51 1.73 17.05 -11.14
C SER B 51 1.37 17.27 -12.62
N ARG B 52 0.42 18.16 -12.80
CA ARG B 52 -0.18 18.45 -14.10
C ARG B 52 0.64 19.52 -14.75
N LEU B 53 0.91 19.31 -16.03
CA LEU B 53 1.57 20.33 -16.84
C LEU B 53 0.56 20.84 -17.82
N TYR B 54 0.66 22.12 -18.16
CA TYR B 54 -0.19 22.70 -19.20
C TYR B 54 0.47 22.97 -20.54
N GLU B 55 1.77 22.78 -20.60
CA GLU B 55 2.54 22.86 -21.85
C GLU B 55 3.83 22.12 -21.58
N GLY B 56 4.52 21.75 -22.63
CA GLY B 56 5.76 20.99 -22.42
C GLY B 56 5.47 19.50 -22.38
N GLU B 57 6.51 18.71 -22.33
CA GLU B 57 6.32 17.27 -22.33
C GLU B 57 6.14 16.73 -20.92
N ALA B 58 5.19 15.83 -20.78
CA ALA B 58 4.91 15.23 -19.51
C ALA B 58 5.10 13.76 -19.76
N ASP B 59 5.25 13.02 -18.68
CA ASP B 59 5.50 11.59 -18.74
C ASP B 59 4.24 10.92 -19.23
N ILE B 60 3.10 11.36 -18.73
CA ILE B 60 1.84 10.67 -19.09
C ILE B 60 0.99 11.66 -19.86
N MET B 61 0.96 11.52 -21.20
CA MET B 61 0.12 12.39 -22.02
C MET B 61 -1.22 11.69 -22.15
N ILE B 62 -2.31 12.43 -21.94
CA ILE B 62 -3.68 11.83 -21.93
C ILE B 62 -4.49 12.52 -23.06
N SER B 63 -5.11 11.76 -23.96
CA SER B 63 -5.80 12.41 -25.06
C SER B 63 -6.99 11.55 -25.43
N PHE B 64 -7.92 12.12 -26.19
CA PHE B 64 -9.11 11.43 -26.69
C PHE B 64 -8.88 11.39 -28.23
N ALA B 65 -9.18 10.25 -28.85
CA ALA B 65 -8.94 10.06 -30.29
C ALA B 65 -9.97 9.08 -30.87
N VAL B 66 -10.12 9.08 -32.19
CA VAL B 66 -11.00 8.16 -32.91
C VAL B 66 -10.18 7.44 -33.98
N ARG B 67 -10.49 6.15 -34.20
CA ARG B 67 -9.93 5.42 -35.34
C ARG B 67 -8.42 5.66 -35.38
N GLU B 68 -7.89 6.05 -36.54
CA GLU B 68 -6.43 6.22 -36.69
C GLU B 68 -6.03 7.54 -36.10
N HIS B 69 -5.04 7.47 -35.23
CA HIS B 69 -4.70 8.62 -34.43
C HIS B 69 -3.23 8.86 -34.19
N GLY B 70 -2.37 8.26 -34.99
CA GLY B 70 -0.96 8.58 -34.80
C GLY B 70 -0.12 7.52 -34.12
N ASP B 71 -0.73 6.43 -33.69
CA ASP B 71 0.04 5.35 -33.05
C ASP B 71 -0.17 4.01 -33.80
N PHE B 72 0.33 2.91 -33.24
CA PHE B 72 0.24 1.59 -33.93
C PHE B 72 -1.16 0.98 -33.88
N TYR B 73 -2.05 1.52 -33.03
CA TYR B 73 -3.30 0.81 -32.63
C TYR B 73 -4.56 1.66 -32.88
N PRO B 74 -5.09 1.60 -34.09
CA PRO B 74 -6.25 2.45 -34.32
C PRO B 74 -7.39 2.14 -33.38
N PHE B 75 -8.21 3.09 -33.00
CA PHE B 75 -9.39 2.66 -32.26
C PHE B 75 -10.46 2.12 -33.25
N ASP B 76 -11.59 1.68 -32.71
CA ASP B 76 -12.49 0.80 -33.43
C ASP B 76 -13.94 1.24 -33.43
N GLY B 77 -14.21 2.50 -33.22
CA GLY B 77 -15.57 2.97 -33.25
C GLY B 77 -16.30 2.57 -31.98
N PRO B 78 -17.63 2.76 -31.96
CA PRO B 78 -18.44 2.59 -30.74
C PRO B 78 -18.30 1.21 -30.15
N GLY B 79 -18.16 1.16 -28.82
CA GLY B 79 -18.01 -0.10 -28.10
C GLY B 79 -16.69 -0.82 -28.26
N ASN B 80 -16.67 -2.12 -27.95
CA ASN B 80 -15.39 -2.86 -27.92
C ASN B 80 -14.29 -2.06 -27.18
N VAL B 81 -13.09 -1.87 -27.79
CA VAL B 81 -11.92 -1.18 -27.07
C VAL B 81 -12.32 0.21 -26.63
N LEU B 82 -12.23 0.49 -25.34
CA LEU B 82 -12.67 1.77 -24.78
C LEU B 82 -11.48 2.75 -24.65
N ALA B 83 -10.28 2.19 -24.53
CA ALA B 83 -9.10 2.99 -24.34
C ALA B 83 -7.89 2.09 -24.34
N HIS B 84 -6.72 2.69 -24.45
CA HIS B 84 -5.48 1.94 -24.28
C HIS B 84 -4.40 2.86 -23.75
N ALA B 85 -3.37 2.24 -23.17
CA ALA B 85 -2.31 2.97 -22.55
C ALA B 85 -1.03 2.17 -22.72
N TYR B 86 0.09 2.84 -22.51
CA TYR B 86 1.43 2.25 -22.72
C TYR B 86 2.19 2.14 -21.44
N ALA B 87 3.01 1.10 -21.33
CA ALA B 87 3.83 0.80 -20.13
C ALA B 87 4.86 1.89 -19.93
N PRO B 88 5.37 2.07 -18.70
CA PRO B 88 6.34 3.13 -18.37
C PRO B 88 7.47 3.17 -19.39
N GLY B 89 8.02 4.37 -19.64
CA GLY B 89 9.12 4.58 -20.58
C GLY B 89 9.09 6.00 -21.11
N PRO B 90 10.02 6.38 -22.04
CA PRO B 90 9.91 7.78 -22.53
C PRO B 90 8.97 7.82 -23.73
N GLY B 91 8.67 9.02 -24.23
CA GLY B 91 7.94 9.19 -25.49
C GLY B 91 6.46 8.74 -25.35
N ILE B 92 5.99 7.93 -26.29
CA ILE B 92 4.63 7.36 -26.22
C ILE B 92 4.44 6.49 -24.95
N ASN B 93 5.54 5.93 -24.43
CA ASN B 93 5.38 5.13 -23.22
C ASN B 93 4.81 6.05 -22.11
N GLY B 94 3.92 5.44 -21.34
CA GLY B 94 3.24 6.02 -20.18
C GLY B 94 1.93 6.68 -20.65
N ASP B 95 1.72 6.84 -21.97
CA ASP B 95 0.57 7.64 -22.45
C ASP B 95 -0.72 6.86 -22.39
N ALA B 96 -1.88 7.54 -22.38
CA ALA B 96 -3.17 6.86 -22.29
C ALA B 96 -4.10 7.56 -23.24
N HIS B 97 -4.80 6.80 -24.08
CA HIS B 97 -5.66 7.42 -25.10
C HIS B 97 -7.05 6.87 -24.87
N PHE B 98 -8.04 7.71 -25.05
CA PHE B 98 -9.42 7.28 -24.78
C PHE B 98 -10.23 7.39 -26.08
N ASP B 99 -10.96 6.33 -26.46
CA ASP B 99 -11.67 6.28 -27.73
C ASP B 99 -12.85 7.21 -27.66
N ASP B 100 -12.82 8.26 -28.47
CA ASP B 100 -13.93 9.16 -28.41
C ASP B 100 -15.22 8.69 -29.14
N ASP B 101 -15.23 7.48 -29.67
CA ASP B 101 -16.49 6.94 -30.17
C ASP B 101 -17.30 6.34 -29.01
N GLU B 102 -16.72 6.38 -27.81
CA GLU B 102 -17.47 6.08 -26.58
C GLU B 102 -18.16 7.33 -26.01
N GLN B 103 -19.29 7.15 -25.32
CA GLN B 103 -19.94 8.19 -24.53
C GLN B 103 -19.42 8.30 -23.10
N TRP B 104 -18.45 9.22 -22.88
CA TRP B 104 -17.75 9.32 -21.58
C TRP B 104 -18.65 10.03 -20.64
N THR B 105 -18.82 9.50 -19.43
CA THR B 105 -19.73 10.07 -18.46
C THR B 105 -19.11 10.20 -17.06
N LYS B 106 -19.73 11.03 -16.22
CA LYS B 106 -19.30 11.23 -14.89
C LYS B 106 -19.97 10.15 -13.97
N ASP B 107 -21.06 9.53 -14.44
CA ASP B 107 -21.77 8.50 -13.70
C ASP B 107 -21.63 7.28 -14.56
N THR B 108 -22.45 6.25 -14.31
CA THR B 108 -22.29 5.01 -15.07
C THR B 108 -23.32 4.80 -16.21
N THR B 109 -24.02 5.86 -16.60
CA THR B 109 -24.84 5.79 -17.84
C THR B 109 -24.10 5.55 -19.16
N GLY B 110 -22.88 6.02 -19.32
CA GLY B 110 -22.20 5.62 -20.55
C GLY B 110 -20.98 4.77 -20.24
N THR B 111 -19.81 5.28 -20.63
CA THR B 111 -18.59 4.63 -20.17
C THR B 111 -18.02 5.62 -19.16
N ASN B 112 -17.84 5.19 -17.89
CA ASN B 112 -17.43 6.09 -16.83
C ASN B 112 -15.97 6.44 -17.03
N LEU B 113 -15.69 7.74 -17.16
CA LEU B 113 -14.31 8.15 -17.51
C LEU B 113 -13.32 7.83 -16.32
N PHE B 114 -13.76 8.13 -15.11
CA PHE B 114 -12.98 7.83 -13.91
C PHE B 114 -12.51 6.38 -13.88
N LEU B 115 -13.45 5.42 -13.91
CA LEU B 115 -13.05 4.01 -13.78
C LEU B 115 -12.18 3.53 -14.91
N VAL B 116 -12.40 3.99 -16.16
CA VAL B 116 -11.51 3.54 -17.27
C VAL B 116 -10.13 4.20 -17.10
N ALA B 117 -10.12 5.45 -16.68
CA ALA B 117 -8.87 6.19 -16.53
C ALA B 117 -8.07 5.53 -15.44
N ALA B 118 -8.74 5.11 -14.36
CA ALA B 118 -7.95 4.51 -13.26
C ALA B 118 -7.29 3.21 -13.75
N HIS B 119 -8.03 2.39 -14.51
CA HIS B 119 -7.49 1.17 -15.18
C HIS B 119 -6.35 1.54 -16.16
N GLU B 120 -6.50 2.59 -16.97
CA GLU B 120 -5.47 2.95 -17.95
C GLU B 120 -4.24 3.40 -17.25
N ILE B 121 -4.39 4.18 -16.18
CA ILE B 121 -3.25 4.69 -15.44
C ILE B 121 -2.51 3.48 -14.75
N GLY B 122 -3.26 2.45 -14.32
CA GLY B 122 -2.65 1.18 -13.92
C GLY B 122 -1.64 0.68 -14.95
N HIS B 123 -2.05 0.65 -16.23
CA HIS B 123 -1.16 0.33 -17.40
C HIS B 123 0.04 1.26 -17.52
N SER B 124 -0.22 2.56 -17.41
CA SER B 124 0.81 3.62 -17.51
C SER B 124 1.91 3.46 -16.48
N LEU B 125 1.54 2.85 -15.39
CA LEU B 125 2.39 2.64 -14.23
C LEU B 125 3.11 1.29 -14.23
N GLY B 126 2.67 0.34 -15.08
CA GLY B 126 3.33 -0.96 -15.29
C GLY B 126 2.51 -2.16 -14.87
N LEU B 127 1.22 -1.97 -14.63
CA LEU B 127 0.42 -3.12 -14.38
C LEU B 127 -0.23 -3.56 -15.68
N PHE B 128 -0.26 -4.87 -15.91
CA PHE B 128 -1.05 -5.42 -17.01
C PHE B 128 -2.33 -6.05 -16.42
N HIS B 129 -3.02 -6.83 -17.24
CA HIS B 129 -4.33 -7.32 -16.88
C HIS B 129 -4.28 -8.34 -15.76
N SER B 130 -5.17 -8.17 -14.81
CA SER B 130 -5.27 -9.13 -13.74
C SER B 130 -6.07 -10.37 -14.22
N ALA B 131 -5.61 -11.54 -13.75
CA ALA B 131 -6.38 -12.79 -13.76
C ALA B 131 -7.56 -12.72 -12.80
N ASN B 132 -7.45 -11.87 -11.78
CA ASN B 132 -8.46 -11.74 -10.71
C ASN B 132 -9.67 -10.88 -11.09
N THR B 133 -10.85 -11.48 -11.07
CA THR B 133 -12.07 -10.83 -11.56
C THR B 133 -12.61 -9.64 -10.71
N GLU B 134 -12.23 -9.55 -9.44
CA GLU B 134 -12.57 -8.39 -8.64
C GLU B 134 -11.60 -7.19 -8.83
N ALA B 135 -10.44 -7.39 -9.49
CA ALA B 135 -9.49 -6.24 -9.69
C ALA B 135 -9.97 -5.13 -10.65
N LEU B 136 -9.61 -3.89 -10.34
CA LEU B 136 -9.73 -2.80 -11.31
C LEU B 136 -9.06 -3.19 -12.64
N MET B 137 -7.91 -3.86 -12.51
CA MET B 137 -7.10 -4.28 -13.65
C MET B 137 -7.58 -5.53 -14.43
N TYR B 138 -8.76 -6.07 -14.09
CA TYR B 138 -9.37 -7.12 -14.91
C TYR B 138 -9.96 -6.47 -16.17
N PRO B 139 -9.63 -7.01 -17.37
CA PRO B 139 -9.92 -6.22 -18.58
C PRO B 139 -11.42 -6.24 -19.01
N LEU B 140 -12.31 -5.92 -18.07
CA LEU B 140 -13.71 -5.94 -18.35
C LEU B 140 -14.30 -4.73 -17.63
N TYR B 141 -15.06 -3.94 -18.36
CA TYR B 141 -15.65 -2.75 -17.79
C TYR B 141 -16.96 -3.12 -17.14
N HIS B 142 -17.12 -2.76 -15.88
CA HIS B 142 -18.33 -3.09 -15.14
C HIS B 142 -19.23 -1.87 -15.02
N SER B 143 -20.34 -1.83 -15.75
CA SER B 143 -21.22 -0.65 -15.70
C SER B 143 -21.94 -0.50 -14.36
N LEU B 144 -21.96 -1.59 -13.58
CA LEU B 144 -22.68 -1.62 -12.32
C LEU B 144 -21.91 -1.09 -11.11
N THR B 145 -20.62 -0.79 -11.32
CA THR B 145 -19.72 -0.46 -10.22
C THR B 145 -20.33 0.65 -9.37
N ASP B 146 -20.32 0.51 -8.04
CA ASP B 146 -20.82 1.62 -7.20
C ASP B 146 -19.70 2.65 -6.90
N LEU B 147 -19.83 3.86 -7.46
CA LEU B 147 -18.72 4.87 -7.53
C LEU B 147 -18.34 5.48 -6.21
N THR B 148 -19.32 5.53 -5.32
CA THR B 148 -19.09 6.02 -3.95
C THR B 148 -18.43 4.91 -3.07
N ARG B 149 -18.77 3.65 -3.34
CA ARG B 149 -18.13 2.52 -2.65
C ARG B 149 -16.72 2.26 -3.27
N PHE B 150 -16.28 3.05 -4.29
CA PHE B 150 -15.11 2.60 -5.08
C PHE B 150 -13.81 2.49 -4.26
N ARG B 151 -13.19 1.32 -4.32
CA ARG B 151 -11.79 1.20 -3.90
C ARG B 151 -11.06 0.15 -4.71
N LEU B 152 -9.75 0.38 -4.86
CA LEU B 152 -8.86 -0.58 -5.42
C LEU B 152 -8.96 -1.88 -4.59
N SER B 153 -8.95 -3.02 -5.27
CA SER B 153 -8.97 -4.28 -4.57
C SER B 153 -7.56 -4.59 -4.10
N GLN B 154 -7.44 -5.62 -3.25
CA GLN B 154 -6.16 -6.05 -2.75
C GLN B 154 -5.21 -6.49 -3.86
N ASP B 155 -5.74 -7.19 -4.88
CA ASP B 155 -4.91 -7.62 -6.03
C ASP B 155 -4.26 -6.41 -6.70
N ASP B 156 -5.03 -5.36 -6.91
CA ASP B 156 -4.50 -4.14 -7.53
C ASP B 156 -3.42 -3.56 -6.63
N ILE B 157 -3.71 -3.46 -5.34
CA ILE B 157 -2.74 -2.94 -4.37
C ILE B 157 -1.47 -3.79 -4.36
N ASN B 158 -1.67 -5.10 -4.19
CA ASN B 158 -0.54 -6.00 -4.13
C ASN B 158 0.31 -5.84 -5.36
N GLY B 159 -0.34 -5.76 -6.53
CA GLY B 159 0.36 -5.56 -7.78
C GLY B 159 1.13 -4.25 -7.90
N ILE B 160 0.50 -3.14 -7.54
CA ILE B 160 1.17 -1.85 -7.71
C ILE B 160 2.30 -1.73 -6.63
N GLN B 161 2.06 -2.26 -5.41
CA GLN B 161 3.07 -2.15 -4.32
C GLN B 161 4.23 -3.09 -4.66
N SER B 162 3.94 -4.27 -5.27
CA SER B 162 5.04 -5.08 -5.83
C SER B 162 5.98 -4.20 -6.66
N LEU B 163 5.46 -3.28 -7.45
CA LEU B 163 6.34 -2.43 -8.26
C LEU B 163 7.03 -1.30 -7.50
N TYR B 164 6.33 -0.62 -6.60
CA TYR B 164 6.81 0.70 -6.08
C TYR B 164 6.83 0.79 -4.56
N GLY B 165 6.34 -0.25 -3.93
CA GLY B 165 6.09 -0.22 -2.50
C GLY B 165 4.86 0.56 -2.04
N PRO B 166 4.61 0.56 -0.71
CA PRO B 166 3.55 1.35 -0.04
C PRO B 166 3.94 2.84 0.13
N PRO B 167 2.96 3.71 0.54
CA PRO B 167 3.26 5.13 0.70
C PRO B 167 4.18 5.34 1.90
N PRO B 168 5.07 6.29 1.75
CA PRO B 168 6.02 6.46 2.81
C PRO B 168 5.37 7.11 4.04
N ASP B 169 4.19 7.68 3.98
CA ASP B 169 3.70 8.30 5.23
C ASP B 169 2.67 7.45 6.03
N SER B 170 2.29 6.33 5.42
CA SER B 170 1.29 5.42 5.89
C SER B 170 1.91 4.29 6.77
N PRO B 171 1.18 3.91 7.85
CA PRO B 171 1.60 2.68 8.57
C PRO B 171 1.20 1.47 7.78
N GLU B 172 1.79 0.32 8.07
CA GLU B 172 1.39 -0.88 7.39
C GLU B 172 0.64 -1.80 8.39
N THR B 173 -0.46 -2.43 7.97
CA THR B 173 -1.15 -3.27 8.92
C THR B 173 -0.42 -4.58 9.04
ZN ZN C . 1.74 -6.21 8.24
ZN ZN D . -2.33 4.54 14.26
CA CA E . -9.91 -3.82 14.05
CA CA F . 9.05 6.83 16.58
CA CA G . -9.66 -4.87 23.65
PT PT H . 6.30 8.97 22.10
ZN ZN I . -6.48 -2.71 -19.91
ZN ZN J . -3.60 5.22 -29.16
CA CA K . -14.18 1.57 -29.18
CA CA L . 4.95 9.37 -22.25
CA CA M . -17.52 10.40 -27.44
PT PT N . 4.18 14.53 -24.98
PT PT O . -20.01 -6.12 -15.23
PT PT P . -4.63 -4.26 -25.99
PT PT Q . -18.42 -2.62 2.97
PT PT R . 11.98 7.54 -17.30
CL CL S . -20.64 -5.25 -14.12
CL CL T . -22.17 -5.55 -15.81
C1 NGH U . -10.51 -0.54 -20.76
C2 NGH U . -10.55 -0.12 -19.41
C3 NGH U . -11.35 -0.72 -18.47
C4 NGH U . -12.19 -1.77 -18.87
C5 NGH U . -12.16 -2.17 -20.21
C6 NGH U . -11.33 -1.58 -21.18
O1 NGH U . -11.31 -0.25 -17.18
C7 NGH U . -11.78 -0.99 -16.04
S1 NGH U . -11.39 -2.08 -22.75
O2 NGH U . -11.09 -0.93 -23.67
O3 NGH U . -12.80 -2.54 -22.86
N NGH U . -10.38 -3.18 -23.05
C9 NGH U . -10.78 -4.57 -22.90
C10 NGH U . -9.03 -2.76 -23.52
C11 NGH U . -8.08 -2.43 -22.37
N1 NGH U . -7.46 -1.25 -22.36
O4 NGH U . -6.68 -0.94 -21.44
O5 NGH U . -7.93 -3.24 -21.47
C12 NGH U . -10.41 -5.34 -24.18
C13 NGH U . -9.83 -6.74 -23.89
C14 NGH U . -11.61 -5.37 -25.14
#